data_6N7Q
#
_entry.id   6N7Q
#
_cell.length_a   122.565
_cell.length_b   37.975
_cell.length_c   72.016
_cell.angle_alpha   90.00
_cell.angle_beta   91.06
_cell.angle_gamma   90.00
#
_symmetry.space_group_name_H-M   'C 1 2 1'
#
loop_
_entity.id
_entity.type
_entity.pdbx_description
1 polymer 'Apical membrane antigen-1'
2 polymer 'RON2 peptide'
3 water water
#
loop_
_entity_poly.entity_id
_entity_poly.type
_entity_poly.pdbx_seq_one_letter_code
_entity_poly.pdbx_strand_id
1 'polypeptide(L)'
;GNYMGNPWTEYMAKYDIEEVHGSGIRVDLGEDAEVAGTQYRLPSGKCPVFGKGIIIENSNTTFLKPVATGNQDLKDGGFA
FPPTNPLISPMTLNGMRDFYKNNEYVKNLDELTLCSRHAGNMNPDNDKNSNYKYPAVYDYNDKKCHILYIAAQENNGPRY
CNKDESKRNSMFCFRPAKDKLFENYTYLSKNVVDNWEEVCPRKNLENAKFGLWVDGNCEDIPHVNEFSANDLFECNKLVF
ELSASDQPKQYEQHLTDYEKIKEGFKNKNASMIKSAFLPTGAFKADRYKSHGKGYNWGNYNRETQKCEIFNVKPTCLINN
SSYIATTALSHPIEVE
;
A
2 'polypeptide(L)' CWTTRMSPPMQIP C
#
# COMPACT_ATOMS: atom_id res chain seq x y z
N ASN A 6 1.54 -29.40 -4.96
CA ASN A 6 1.50 -28.44 -3.86
C ASN A 6 0.06 -28.00 -3.55
N PRO A 7 -0.47 -28.43 -2.40
CA PRO A 7 -1.84 -28.09 -1.98
C PRO A 7 -1.92 -26.67 -1.40
N TRP A 8 -0.81 -25.96 -1.38
CA TRP A 8 -0.77 -24.61 -0.82
C TRP A 8 -0.90 -23.54 -1.90
N THR A 9 -0.92 -23.98 -3.16
CA THR A 9 -0.89 -23.09 -4.31
C THR A 9 -1.90 -21.94 -4.24
N GLU A 10 -3.17 -22.28 -4.11
CA GLU A 10 -4.23 -21.28 -4.09
C GLU A 10 -4.12 -20.36 -2.88
N TYR A 11 -3.83 -20.95 -1.72
CA TYR A 11 -3.76 -20.19 -0.47
C TYR A 11 -2.57 -19.24 -0.43
N MET A 12 -1.43 -19.69 -0.96
CA MET A 12 -0.19 -18.91 -0.90
C MET A 12 -0.10 -17.91 -2.03
N ALA A 13 -1.12 -17.85 -2.88
CA ALA A 13 -1.09 -17.01 -4.07
C ALA A 13 -0.98 -15.52 -3.71
N LYS A 14 -1.66 -15.11 -2.64
CA LYS A 14 -1.65 -13.72 -2.23
C LYS A 14 -0.29 -13.26 -1.71
N TYR A 15 0.60 -14.20 -1.42
CA TYR A 15 1.91 -13.87 -0.88
C TYR A 15 2.98 -13.84 -1.98
N ASP A 16 2.54 -14.09 -3.21
CA ASP A 16 3.40 -13.87 -4.38
C ASP A 16 3.33 -12.39 -4.74
N ILE A 17 3.97 -11.58 -3.91
CA ILE A 17 3.85 -10.12 -3.99
C ILE A 17 4.30 -9.56 -5.33
N GLU A 18 5.32 -10.17 -5.92
CA GLU A 18 5.82 -9.77 -7.23
C GLU A 18 4.72 -9.87 -8.29
N GLU A 19 3.79 -10.81 -8.09
CA GLU A 19 2.69 -11.02 -9.03
C GLU A 19 1.44 -10.20 -8.69
N VAL A 20 1.03 -10.24 -7.43
CA VAL A 20 -0.22 -9.62 -7.02
C VAL A 20 -0.09 -8.13 -6.74
N HIS A 21 1.13 -7.68 -6.45
CA HIS A 21 1.37 -6.26 -6.20
C HIS A 21 2.07 -5.65 -7.41
N GLY A 22 3.18 -6.26 -7.82
CA GLY A 22 3.85 -5.92 -9.07
C GLY A 22 4.59 -4.59 -9.09
N SER A 23 4.83 -4.01 -7.92
CA SER A 23 5.54 -2.74 -7.83
C SER A 23 6.26 -2.61 -6.51
N GLY A 24 6.92 -1.46 -6.32
CA GLY A 24 7.60 -1.19 -5.06
C GLY A 24 6.62 -1.07 -3.92
N ILE A 25 7.09 -1.37 -2.71
CA ILE A 25 6.25 -1.28 -1.53
C ILE A 25 6.67 -0.11 -0.65
N ARG A 26 7.93 -0.09 -0.23
CA ARG A 26 8.47 1.01 0.55
C ARG A 26 8.36 2.30 -0.24
N VAL A 27 8.82 2.27 -1.47
CA VAL A 27 8.64 3.38 -2.40
C VAL A 27 8.00 2.86 -3.69
N ASP A 28 6.76 3.27 -3.92
CA ASP A 28 6.01 2.81 -5.10
C ASP A 28 6.06 3.86 -6.20
N LEU A 29 6.84 3.58 -7.23
CA LEU A 29 6.91 4.44 -8.41
C LEU A 29 7.08 3.57 -9.66
N GLY A 30 6.23 2.56 -9.78
CA GLY A 30 6.38 1.54 -10.80
C GLY A 30 5.84 1.87 -12.18
N GLU A 31 5.29 3.07 -12.34
CA GLU A 31 4.80 3.49 -13.65
C GLU A 31 5.14 4.94 -13.97
N ASP A 32 5.00 5.29 -15.25
CA ASP A 32 5.23 6.65 -15.70
C ASP A 32 4.01 7.19 -16.45
N ALA A 33 3.67 8.44 -16.21
CA ALA A 33 2.55 9.08 -16.88
C ALA A 33 2.91 10.51 -17.28
N GLU A 34 2.31 10.98 -18.37
CA GLU A 34 2.63 12.31 -18.89
C GLU A 34 1.53 13.33 -18.56
N VAL A 35 1.97 14.51 -18.12
CA VAL A 35 1.05 15.62 -17.89
C VAL A 35 1.53 16.84 -18.65
N ALA A 36 0.81 17.19 -19.71
CA ALA A 36 1.15 18.32 -20.58
C ALA A 36 2.55 18.22 -21.15
N GLY A 37 2.94 17.01 -21.56
CA GLY A 37 4.20 16.79 -22.23
C GLY A 37 5.37 16.47 -21.33
N THR A 38 5.11 16.35 -20.03
CA THR A 38 6.16 16.05 -19.07
C THR A 38 5.93 14.70 -18.41
N GLN A 39 6.95 13.85 -18.42
CA GLN A 39 6.86 12.51 -17.85
C GLN A 39 7.07 12.53 -16.34
N TYR A 40 6.11 11.98 -15.61
CA TYR A 40 6.20 11.88 -14.15
C TYR A 40 6.14 10.43 -13.69
N ARG A 41 6.84 10.12 -12.61
CA ARG A 41 6.72 8.81 -11.97
C ARG A 41 5.53 8.82 -11.02
N LEU A 42 4.88 7.67 -10.87
CA LEU A 42 3.73 7.57 -9.97
C LEU A 42 3.50 6.14 -9.52
N PRO A 43 2.96 5.97 -8.30
CA PRO A 43 2.64 4.65 -7.74
C PRO A 43 1.76 3.81 -8.65
N SER A 44 1.90 2.49 -8.57
CA SER A 44 1.17 1.59 -9.46
C SER A 44 0.95 0.21 -8.83
N GLY A 45 1.26 0.08 -7.55
CA GLY A 45 1.07 -1.18 -6.85
C GLY A 45 -0.38 -1.60 -6.81
N LYS A 46 -0.64 -2.90 -7.01
CA LYS A 46 -2.01 -3.39 -7.10
C LYS A 46 -2.60 -3.73 -5.74
N CYS A 47 -1.74 -3.81 -4.72
CA CYS A 47 -2.21 -4.11 -3.37
C CYS A 47 -2.10 -2.88 -2.46
N PRO A 48 -3.03 -2.73 -1.52
CA PRO A 48 -2.95 -1.66 -0.53
C PRO A 48 -1.81 -1.91 0.46
N VAL A 49 -1.17 -0.85 0.93
CA VAL A 49 -0.08 -0.99 1.91
C VAL A 49 -0.56 -0.52 3.28
N PHE A 50 -0.87 -1.48 4.14
CA PHE A 50 -1.43 -1.17 5.46
C PHE A 50 -0.37 -0.65 6.44
N GLY A 51 -0.61 0.54 6.97
CA GLY A 51 0.27 1.12 7.98
C GLY A 51 1.33 2.04 7.42
N LYS A 52 1.33 2.25 6.10
CA LYS A 52 2.34 3.09 5.48
C LYS A 52 1.94 4.57 5.50
N GLY A 53 2.88 5.40 5.91
CA GLY A 53 2.71 6.85 5.87
C GLY A 53 4.03 7.52 5.52
N ILE A 54 4.01 8.84 5.41
CA ILE A 54 5.22 9.60 5.10
C ILE A 54 5.63 10.47 6.28
N ILE A 55 6.86 10.29 6.75
CA ILE A 55 7.38 11.08 7.86
C ILE A 55 8.16 12.29 7.34
N ILE A 56 7.70 13.48 7.72
CA ILE A 56 8.37 14.71 7.32
C ILE A 56 9.17 15.31 8.47
N GLU A 57 10.47 15.43 8.30
CA GLU A 57 11.34 15.95 9.34
C GLU A 57 11.32 17.48 9.35
N THR A 62 2.44 17.06 9.53
CA THR A 62 2.24 15.73 8.96
C THR A 62 1.83 15.81 7.50
N PHE A 63 1.85 14.68 6.82
CA PHE A 63 1.75 14.66 5.36
C PHE A 63 0.33 14.61 4.82
N LEU A 64 -0.65 14.33 5.68
CA LEU A 64 -2.04 14.32 5.22
C LEU A 64 -2.65 15.71 5.22
N LYS A 65 -1.89 16.69 5.70
CA LYS A 65 -2.32 18.08 5.63
C LYS A 65 -2.32 18.52 4.17
N PRO A 66 -3.20 19.46 3.82
CA PRO A 66 -3.26 19.96 2.44
C PRO A 66 -1.93 20.56 1.99
N VAL A 67 -1.56 20.32 0.73
CA VAL A 67 -0.32 20.88 0.19
C VAL A 67 -0.42 22.41 0.15
N ALA A 68 0.72 23.07 0.37
CA ALA A 68 0.76 24.52 0.37
C ALA A 68 0.48 25.06 -1.03
N THR A 69 -0.52 25.93 -1.14
CA THR A 69 -0.88 26.51 -2.43
C THR A 69 -0.55 28.00 -2.47
N GLY A 70 0.01 28.46 -3.59
CA GLY A 70 0.38 29.85 -3.76
C GLY A 70 1.67 30.18 -3.05
N LYS A 75 5.30 26.98 2.29
CA LYS A 75 5.52 25.56 2.07
C LYS A 75 5.37 24.75 3.36
N ASP A 76 4.50 25.23 4.25
CA ASP A 76 4.22 24.53 5.49
C ASP A 76 2.94 23.69 5.37
N GLY A 77 2.85 22.92 4.29
CA GLY A 77 1.72 22.04 4.06
C GLY A 77 2.17 20.61 3.87
N GLY A 78 1.23 19.70 3.70
CA GLY A 78 1.54 18.29 3.53
C GLY A 78 1.54 17.84 2.08
N PHE A 79 1.09 16.61 1.86
CA PHE A 79 1.11 16.00 0.52
C PHE A 79 -0.29 15.92 -0.09
N ALA A 80 -1.31 16.18 0.73
CA ALA A 80 -2.69 15.97 0.30
C ALA A 80 -3.22 17.08 -0.61
N PHE A 81 -4.37 16.81 -1.22
CA PHE A 81 -5.04 17.76 -2.10
C PHE A 81 -5.44 19.04 -1.39
N PRO A 82 -5.31 20.18 -2.07
CA PRO A 82 -5.79 21.46 -1.55
C PRO A 82 -7.33 21.51 -1.55
N PRO A 83 -7.92 22.39 -0.72
CA PRO A 83 -9.38 22.54 -0.64
C PRO A 83 -10.04 22.78 -2.00
N THR A 84 -11.21 22.19 -2.19
CA THR A 84 -11.94 22.31 -3.45
C THR A 84 -13.42 22.58 -3.22
N ASN A 85 -14.13 22.91 -4.30
CA ASN A 85 -15.57 23.08 -4.25
C ASN A 85 -16.24 22.38 -5.43
N PRO A 86 -16.90 21.24 -5.18
CA PRO A 86 -17.14 20.67 -3.85
C PRO A 86 -15.91 19.96 -3.29
N LEU A 87 -15.76 19.99 -1.96
CA LEU A 87 -14.61 19.40 -1.29
C LEU A 87 -14.55 17.90 -1.51
N ILE A 88 -13.64 17.47 -2.39
CA ILE A 88 -13.51 16.05 -2.72
C ILE A 88 -12.31 15.41 -2.02
N SER A 89 -11.59 16.20 -1.24
CA SER A 89 -10.47 15.69 -0.46
C SER A 89 -10.14 16.65 0.69
N PRO A 90 -10.19 16.13 1.93
CA PRO A 90 -10.54 14.75 2.27
C PRO A 90 -12.05 14.49 2.18
N MET A 91 -12.40 13.24 1.92
CA MET A 91 -13.80 12.88 1.77
C MET A 91 -14.08 11.57 2.50
N THR A 92 -15.14 11.56 3.31
CA THR A 92 -15.53 10.37 4.06
C THR A 92 -16.02 9.27 3.13
N LEU A 93 -16.07 8.04 3.65
CA LEU A 93 -16.61 6.92 2.90
C LEU A 93 -18.06 7.18 2.49
N ASN A 94 -18.86 7.67 3.43
CA ASN A 94 -20.25 8.01 3.13
C ASN A 94 -20.35 9.15 2.12
N GLY A 95 -19.40 10.08 2.21
CA GLY A 95 -19.34 11.19 1.28
C GLY A 95 -19.05 10.70 -0.13
N MET A 96 -18.13 9.74 -0.24
CA MET A 96 -17.78 9.18 -1.53
C MET A 96 -18.93 8.38 -2.13
N ARG A 97 -19.57 7.55 -1.32
CA ARG A 97 -20.67 6.71 -1.79
C ARG A 97 -21.85 7.57 -2.25
N ASP A 98 -22.09 8.66 -1.55
CA ASP A 98 -23.15 9.60 -1.92
C ASP A 98 -22.78 10.34 -3.19
N PHE A 99 -21.49 10.65 -3.34
CA PHE A 99 -21.00 11.38 -4.51
C PHE A 99 -21.13 10.54 -5.78
N TYR A 100 -21.05 9.22 -5.64
CA TYR A 100 -21.15 8.33 -6.78
C TYR A 100 -22.41 7.47 -6.73
N LYS A 101 -23.49 8.01 -6.16
CA LYS A 101 -24.71 7.23 -5.94
C LYS A 101 -25.41 6.83 -7.24
N ASN A 102 -25.09 7.50 -8.33
CA ASN A 102 -25.68 7.16 -9.62
C ASN A 102 -24.78 6.23 -10.44
N ASN A 103 -23.57 6.01 -9.93
CA ASN A 103 -22.60 5.16 -10.61
C ASN A 103 -22.52 3.79 -9.96
N GLU A 104 -23.19 2.82 -10.57
CA GLU A 104 -23.26 1.47 -10.01
C GLU A 104 -21.92 0.74 -10.08
N TYR A 105 -21.01 1.24 -10.91
CA TYR A 105 -19.70 0.61 -11.05
C TYR A 105 -18.70 1.12 -10.03
N VAL A 106 -19.16 2.00 -9.14
CA VAL A 106 -18.26 2.67 -8.20
C VAL A 106 -18.82 2.72 -6.78
N LYS A 107 -20.13 2.93 -6.66
CA LYS A 107 -20.76 3.23 -5.38
C LYS A 107 -20.67 2.09 -4.35
N ASN A 108 -20.50 0.86 -4.82
CA ASN A 108 -20.47 -0.29 -3.93
C ASN A 108 -19.07 -0.88 -3.75
N LEU A 109 -18.07 -0.20 -4.26
CA LEU A 109 -16.68 -0.62 -4.06
C LEU A 109 -16.31 -0.58 -2.58
N ASP A 110 -15.39 -1.44 -2.17
CA ASP A 110 -14.88 -1.41 -0.81
C ASP A 110 -14.15 -0.09 -0.55
N GLU A 111 -14.00 0.26 0.72
CA GLU A 111 -13.48 1.57 1.10
C GLU A 111 -12.11 1.89 0.50
N LEU A 112 -11.26 0.88 0.33
CA LEU A 112 -9.91 1.10 -0.18
C LEU A 112 -9.92 1.32 -1.69
N THR A 113 -10.61 0.43 -2.42
CA THR A 113 -10.71 0.55 -3.87
C THR A 113 -11.45 1.84 -4.24
N LEU A 114 -12.50 2.15 -3.50
CA LEU A 114 -13.28 3.36 -3.73
C LEU A 114 -12.42 4.61 -3.60
N CYS A 115 -11.56 4.63 -2.58
CA CYS A 115 -10.65 5.75 -2.36
C CYS A 115 -9.67 5.88 -3.52
N SER A 116 -9.21 4.73 -4.03
CA SER A 116 -8.27 4.70 -5.15
C SER A 116 -8.93 5.19 -6.44
N ARG A 117 -10.14 4.74 -6.70
CA ARG A 117 -10.87 5.14 -7.90
C ARG A 117 -11.29 6.61 -7.83
N HIS A 118 -11.57 7.08 -6.62
CA HIS A 118 -11.91 8.48 -6.40
C HIS A 118 -10.73 9.38 -6.70
N ALA A 119 -9.55 8.98 -6.23
CA ALA A 119 -8.33 9.73 -6.47
C ALA A 119 -7.97 9.72 -7.96
N GLY A 120 -8.19 8.58 -8.60
CA GLY A 120 -7.88 8.43 -10.01
C GLY A 120 -8.91 9.07 -10.92
N ASN A 121 -9.95 9.65 -10.33
CA ASN A 121 -10.99 10.31 -11.08
C ASN A 121 -10.63 11.75 -11.43
N MET A 122 -9.69 12.32 -10.68
CA MET A 122 -9.33 13.72 -10.83
C MET A 122 -8.20 13.92 -11.84
N ASN A 123 -8.54 14.35 -13.03
CA ASN A 123 -7.56 14.61 -14.09
C ASN A 123 -7.10 16.05 -14.11
N PRO A 124 -5.82 16.26 -13.87
CA PRO A 124 -5.17 17.56 -13.88
C PRO A 124 -4.68 17.97 -15.26
N ASP A 125 -4.95 17.19 -16.25
CA ASP A 125 -4.56 17.53 -17.56
C ASP A 125 -5.76 18.09 -18.25
N ASN A 126 -5.51 18.99 -19.19
CA ASN A 126 -6.23 19.01 -20.44
C ASN A 126 -6.15 17.66 -21.09
N ASN A 129 -6.81 13.44 -22.42
CA ASN A 129 -7.19 12.25 -21.65
C ASN A 129 -5.97 11.44 -21.24
N SER A 130 -5.19 12.00 -20.34
CA SER A 130 -3.95 11.36 -19.88
C SER A 130 -4.22 10.29 -18.84
N ASN A 131 -3.16 9.58 -18.44
CA ASN A 131 -3.27 8.47 -17.51
C ASN A 131 -2.59 8.73 -16.18
N TYR A 132 -2.40 10.01 -15.85
CA TYR A 132 -1.84 10.38 -14.56
C TYR A 132 -2.93 10.35 -13.49
N LYS A 133 -2.81 9.42 -12.55
CA LYS A 133 -3.79 9.30 -11.48
C LYS A 133 -3.11 9.38 -10.12
N TYR A 134 -3.57 10.31 -9.29
CA TYR A 134 -2.99 10.55 -7.97
C TYR A 134 -3.11 9.32 -7.07
N PRO A 135 -2.08 9.08 -6.24
CA PRO A 135 -2.17 8.08 -5.18
C PRO A 135 -3.04 8.60 -4.04
N ALA A 136 -3.42 7.74 -3.11
CA ALA A 136 -4.28 8.17 -2.02
C ALA A 136 -3.97 7.44 -0.72
N VAL A 137 -4.50 7.97 0.37
CA VAL A 137 -4.38 7.35 1.69
C VAL A 137 -5.74 7.30 2.36
N TYR A 138 -6.18 6.08 2.69
CA TYR A 138 -7.44 5.93 3.42
C TYR A 138 -7.16 5.73 4.91
N ASP A 139 -7.73 6.61 5.72
CA ASP A 139 -7.56 6.55 7.17
C ASP A 139 -8.75 5.83 7.81
N TYR A 140 -8.52 4.63 8.30
CA TYR A 140 -9.57 3.82 8.92
C TYR A 140 -10.11 4.45 10.20
N ASN A 141 -9.33 5.32 10.81
CA ASN A 141 -9.70 5.94 12.08
C ASN A 141 -10.99 6.76 11.98
N ASP A 142 -11.00 7.73 11.08
CA ASP A 142 -12.17 8.57 10.88
C ASP A 142 -12.82 8.32 9.52
N LYS A 143 -12.42 7.22 8.88
CA LYS A 143 -13.01 6.77 7.63
C LYS A 143 -12.97 7.85 6.54
N LYS A 144 -11.79 8.44 6.35
CA LYS A 144 -11.61 9.52 5.38
C LYS A 144 -10.61 9.15 4.29
N CYS A 145 -10.93 9.53 3.06
CA CYS A 145 -10.05 9.31 1.93
C CYS A 145 -9.29 10.59 1.59
N HIS A 146 -7.96 10.51 1.64
CA HIS A 146 -7.11 11.66 1.33
C HIS A 146 -6.41 11.46 0.00
N ILE A 147 -6.75 12.29 -0.99
CA ILE A 147 -6.07 12.25 -2.28
C ILE A 147 -4.72 12.97 -2.17
N LEU A 148 -3.64 12.24 -2.47
CA LEU A 148 -2.30 12.80 -2.35
C LEU A 148 -1.91 13.55 -3.62
N TYR A 149 -1.75 14.86 -3.49
CA TYR A 149 -1.29 15.69 -4.60
C TYR A 149 0.18 15.42 -4.88
N ILE A 150 0.92 15.14 -3.80
CA ILE A 150 2.34 14.79 -3.92
C ILE A 150 2.50 13.27 -3.93
N ALA A 151 3.02 12.75 -5.05
CA ALA A 151 3.20 11.31 -5.21
C ALA A 151 4.57 10.85 -4.73
N ALA A 152 5.46 11.82 -4.49
CA ALA A 152 6.80 11.52 -3.98
C ALA A 152 6.68 10.88 -2.59
N GLN A 153 7.64 10.01 -2.27
CA GLN A 153 7.57 9.27 -1.01
C GLN A 153 8.83 9.37 -0.18
N GLU A 154 9.98 9.62 -0.82
CA GLU A 154 11.22 9.78 -0.09
C GLU A 154 12.12 10.87 -0.68
N ASN A 155 12.69 11.69 0.21
CA ASN A 155 13.68 12.69 -0.18
C ASN A 155 14.71 12.86 0.93
N ASN A 156 15.45 11.80 1.21
CA ASN A 156 16.45 11.81 2.28
C ASN A 156 17.85 11.52 1.76
N CYS A 173 12.78 17.33 3.30
CA CYS A 173 13.25 15.97 3.55
C CYS A 173 12.17 15.11 4.19
N PHE A 174 11.89 13.97 3.57
CA PHE A 174 10.86 13.06 4.08
C PHE A 174 11.18 11.60 3.71
N ARG A 175 10.50 10.68 4.38
CA ARG A 175 10.75 9.25 4.15
C ARG A 175 9.48 8.42 4.44
N PRO A 176 9.32 7.31 3.71
CA PRO A 176 8.19 6.42 3.99
C PRO A 176 8.51 5.51 5.17
N ALA A 177 7.51 5.21 5.99
CA ALA A 177 7.72 4.37 7.17
C ALA A 177 6.42 3.85 7.75
N LYS A 178 6.51 2.73 8.46
CA LYS A 178 5.40 2.24 9.25
C LYS A 178 5.59 2.71 10.68
N ASP A 179 4.55 3.32 11.24
CA ASP A 179 4.65 3.94 12.55
C ASP A 179 3.36 3.70 13.33
N LYS A 180 3.43 3.81 14.66
CA LYS A 180 2.24 3.70 15.49
C LYS A 180 1.21 4.75 15.09
N LEU A 181 1.70 5.91 14.66
CA LEU A 181 0.84 7.00 14.21
C LEU A 181 0.21 6.70 12.85
N PHE A 182 0.74 5.69 12.16
CA PHE A 182 0.32 5.36 10.80
C PHE A 182 -0.45 4.05 10.71
N GLU A 183 -0.72 3.42 11.86
CA GLU A 183 -1.27 2.07 11.88
C GLU A 183 -2.64 1.95 11.23
N ASN A 184 -3.37 3.06 11.14
CA ASN A 184 -4.69 3.05 10.54
C ASN A 184 -4.70 3.66 9.14
N TYR A 185 -3.54 4.17 8.70
CA TYR A 185 -3.42 4.68 7.34
C TYR A 185 -3.26 3.52 6.36
N THR A 186 -3.61 3.75 5.11
CA THR A 186 -3.43 2.76 4.06
C THR A 186 -3.06 3.43 2.76
N TYR A 187 -1.80 3.24 2.34
CA TYR A 187 -1.29 3.88 1.13
C TYR A 187 -1.83 3.19 -0.11
N LEU A 188 -2.51 3.96 -0.95
CA LEU A 188 -3.20 3.40 -2.11
C LEU A 188 -2.71 4.00 -3.42
N SER A 189 -2.28 3.13 -4.34
CA SER A 189 -1.93 3.57 -5.69
C SER A 189 -3.19 3.59 -6.55
N LYS A 190 -3.01 3.95 -7.83
CA LYS A 190 -4.12 4.03 -8.76
C LYS A 190 -4.57 2.65 -9.24
N ASN A 191 -3.73 1.65 -9.03
CA ASN A 191 -3.98 0.32 -9.58
C ASN A 191 -4.49 -0.69 -8.55
N VAL A 192 -4.90 -0.20 -7.38
CA VAL A 192 -5.43 -1.07 -6.33
C VAL A 192 -6.63 -1.86 -6.84
N VAL A 193 -6.50 -3.18 -6.87
CA VAL A 193 -7.56 -4.05 -7.38
C VAL A 193 -8.75 -4.11 -6.44
N ASP A 194 -9.94 -4.30 -7.02
CA ASP A 194 -11.17 -4.28 -6.23
C ASP A 194 -11.35 -5.54 -5.40
N ASN A 195 -10.53 -6.55 -5.66
CA ASN A 195 -10.60 -7.79 -4.89
C ASN A 195 -9.32 -8.05 -4.10
N TRP A 196 -8.75 -6.96 -3.57
CA TRP A 196 -7.51 -7.06 -2.80
C TRP A 196 -7.72 -7.92 -1.54
N GLU A 197 -8.94 -7.95 -1.04
CA GLU A 197 -9.28 -8.76 0.12
C GLU A 197 -9.04 -10.25 -0.15
N GLU A 198 -9.18 -10.63 -1.41
CA GLU A 198 -9.00 -12.02 -1.82
C GLU A 198 -7.58 -12.35 -2.25
N VAL A 199 -6.89 -11.37 -2.84
CA VAL A 199 -5.61 -11.65 -3.50
C VAL A 199 -4.42 -10.88 -2.91
N CYS A 200 -4.68 -10.03 -1.92
CA CYS A 200 -3.59 -9.28 -1.27
C CYS A 200 -3.49 -9.60 0.21
N PRO A 201 -2.28 -9.54 0.77
CA PRO A 201 -2.07 -9.78 2.20
C PRO A 201 -2.63 -8.65 3.06
N ARG A 202 -3.10 -8.98 4.26
CA ARG A 202 -3.49 -7.97 5.24
C ARG A 202 -3.12 -8.45 6.64
N LYS A 203 -3.72 -9.56 7.04
CA LYS A 203 -3.51 -10.12 8.37
C LYS A 203 -2.17 -10.84 8.47
N ASN A 204 -1.61 -10.85 9.68
CA ASN A 204 -0.44 -11.66 9.95
C ASN A 204 -0.89 -13.06 10.36
N LEU A 205 -0.11 -14.07 9.99
CA LEU A 205 -0.51 -15.45 10.26
C LEU A 205 0.10 -15.95 11.56
N GLU A 206 -0.72 -16.02 12.60
CA GLU A 206 -0.28 -16.44 13.91
C GLU A 206 -0.07 -17.95 13.94
N ASN A 207 0.95 -18.38 14.69
CA ASN A 207 1.31 -19.80 14.79
C ASN A 207 1.65 -20.41 13.44
N ALA A 208 2.19 -19.59 12.54
CA ALA A 208 2.53 -20.05 11.20
C ALA A 208 3.89 -19.51 10.78
N LYS A 209 4.56 -20.24 9.91
CA LYS A 209 5.90 -19.87 9.46
C LYS A 209 6.02 -20.08 7.95
N PHE A 210 6.43 -19.02 7.24
CA PHE A 210 6.65 -19.11 5.81
C PHE A 210 7.70 -20.15 5.47
N GLY A 211 7.44 -20.96 4.45
CA GLY A 211 8.38 -21.98 4.02
C GLY A 211 8.35 -22.22 2.52
N LEU A 212 9.17 -23.15 2.06
CA LEU A 212 9.20 -23.50 0.64
C LEU A 212 8.81 -24.97 0.43
N TRP A 213 7.83 -25.20 -0.42
CA TRP A 213 7.30 -26.53 -0.66
C TRP A 213 8.24 -27.36 -1.53
N VAL A 214 8.77 -28.44 -0.96
CA VAL A 214 9.70 -29.31 -1.67
C VAL A 214 9.37 -30.79 -1.45
N ASP A 215 9.00 -31.47 -2.53
CA ASP A 215 8.73 -32.90 -2.53
C ASP A 215 7.73 -33.32 -1.45
N GLY A 216 6.54 -32.72 -1.46
CA GLY A 216 5.48 -33.10 -0.57
C GLY A 216 5.63 -32.59 0.86
N ASN A 217 6.66 -31.80 1.10
CA ASN A 217 6.90 -31.26 2.43
C ASN A 217 7.27 -29.78 2.40
N CYS A 218 6.86 -29.05 3.43
CA CYS A 218 7.15 -27.62 3.53
C CYS A 218 8.44 -27.40 4.29
N GLU A 219 9.50 -27.02 3.58
CA GLU A 219 10.81 -26.83 4.18
C GLU A 219 11.03 -25.39 4.60
N ASP A 220 11.92 -25.19 5.56
CA ASP A 220 12.29 -23.84 6.00
C ASP A 220 12.95 -23.05 4.88
N ILE A 221 12.79 -21.73 4.93
CA ILE A 221 13.55 -20.84 4.04
C ILE A 221 15.03 -21.07 4.34
N PRO A 222 15.77 -21.59 3.35
CA PRO A 222 17.17 -22.01 3.56
C PRO A 222 18.09 -20.88 4.02
N HIS A 223 17.84 -19.67 3.55
CA HIS A 223 18.63 -18.52 3.96
C HIS A 223 17.76 -17.32 4.30
N VAL A 224 17.89 -16.82 5.53
CA VAL A 224 17.17 -15.63 5.97
C VAL A 224 18.13 -14.63 6.59
N ASN A 225 17.73 -13.35 6.58
CA ASN A 225 18.52 -12.31 7.23
C ASN A 225 17.90 -11.92 8.56
N GLU A 226 18.55 -12.29 9.65
CA GLU A 226 17.96 -12.14 10.97
C GLU A 226 18.16 -10.74 11.55
N PHE A 227 17.05 -10.05 11.78
CA PHE A 227 17.04 -8.76 12.44
C PHE A 227 16.30 -8.89 13.77
N SER A 228 16.87 -8.33 14.83
CA SER A 228 16.22 -8.39 16.14
C SER A 228 15.03 -7.43 16.19
N ALA A 229 13.93 -7.91 16.76
CA ALA A 229 12.70 -7.12 16.85
C ALA A 229 11.94 -7.42 18.14
N ASN A 230 11.56 -6.36 18.85
CA ASN A 230 10.90 -6.50 20.13
C ASN A 230 9.53 -7.16 20.04
N ASP A 231 8.77 -6.80 19.00
CA ASP A 231 7.46 -7.41 18.78
C ASP A 231 7.16 -7.54 17.29
N LEU A 232 5.93 -7.92 16.97
CA LEU A 232 5.52 -8.11 15.58
C LEU A 232 5.54 -6.78 14.82
N PHE A 233 5.13 -5.72 15.49
CA PHE A 233 5.10 -4.39 14.89
C PHE A 233 6.49 -3.99 14.39
N GLU A 234 7.50 -4.19 15.23
CA GLU A 234 8.87 -3.83 14.88
C GLU A 234 9.39 -4.69 13.74
N CYS A 235 8.99 -5.96 13.72
CA CYS A 235 9.38 -6.87 12.65
C CYS A 235 8.76 -6.44 11.33
N ASN A 236 7.48 -6.10 11.37
CA ASN A 236 6.77 -5.63 10.18
C ASN A 236 7.38 -4.32 9.66
N LYS A 237 7.84 -3.48 10.58
CA LYS A 237 8.46 -2.21 10.22
C LYS A 237 9.79 -2.45 9.48
N LEU A 238 10.53 -3.44 9.94
CA LEU A 238 11.82 -3.76 9.34
C LEU A 238 11.66 -4.36 7.95
N VAL A 239 10.69 -5.25 7.80
CA VAL A 239 10.40 -5.86 6.50
C VAL A 239 10.03 -4.79 5.49
N PHE A 240 9.21 -3.84 5.92
CA PHE A 240 8.81 -2.72 5.08
C PHE A 240 10.02 -1.89 4.66
N GLU A 241 10.93 -1.64 5.60
CA GLU A 241 12.12 -0.85 5.32
C GLU A 241 13.05 -1.53 4.31
N LEU A 242 13.03 -2.86 4.29
CA LEU A 242 13.90 -3.61 3.41
C LEU A 242 13.18 -4.08 2.14
N SER A 243 11.88 -3.78 2.06
CA SER A 243 11.04 -4.31 0.99
C SER A 243 11.34 -3.71 -0.38
N ALA A 244 10.59 -4.15 -1.38
CA ALA A 244 10.75 -3.65 -2.74
C ALA A 244 10.63 -2.14 -2.80
N SER A 245 11.60 -1.50 -3.43
CA SER A 245 11.61 -0.04 -3.55
C SER A 245 11.97 0.39 -4.96
N ASP A 246 11.20 1.33 -5.50
CA ASP A 246 11.43 1.83 -6.86
C ASP A 246 12.30 3.08 -6.84
N GLN A 247 13.02 3.28 -5.73
CA GLN A 247 13.91 4.42 -5.60
C GLN A 247 15.08 4.08 -4.66
N PRO A 248 16.31 4.39 -5.09
CA PRO A 248 17.49 4.16 -4.25
C PRO A 248 17.49 5.08 -3.02
N LYS A 249 17.81 4.51 -1.86
CA LYS A 249 17.83 5.27 -0.62
C LYS A 249 19.14 6.02 -0.44
N LYS A 289 12.93 0.58 -11.19
CA LYS A 289 11.70 -0.16 -10.94
C LYS A 289 11.98 -1.55 -10.37
N SER A 290 11.43 -1.81 -9.19
CA SER A 290 11.61 -3.10 -8.53
C SER A 290 10.69 -4.16 -9.12
N HIS A 291 9.54 -3.72 -9.62
CA HIS A 291 8.49 -4.60 -10.15
C HIS A 291 8.00 -5.61 -9.12
N GLY A 292 8.20 -5.29 -7.83
CA GLY A 292 7.75 -6.15 -6.76
C GLY A 292 8.84 -7.02 -6.17
N LYS A 293 10.03 -7.00 -6.76
CA LYS A 293 11.15 -7.79 -6.25
C LYS A 293 11.78 -7.15 -5.02
N GLY A 294 12.03 -7.96 -3.99
CA GLY A 294 12.70 -7.47 -2.80
C GLY A 294 12.44 -8.28 -1.55
N TYR A 295 12.97 -7.82 -0.42
CA TYR A 295 12.77 -8.47 0.86
C TYR A 295 11.39 -8.13 1.43
N ASN A 296 10.37 -8.79 0.90
CA ASN A 296 8.99 -8.43 1.20
C ASN A 296 8.36 -9.28 2.30
N TRP A 297 9.04 -10.34 2.70
CA TRP A 297 8.49 -11.28 3.68
C TRP A 297 9.34 -11.38 4.92
N GLY A 298 8.73 -11.81 6.02
CA GLY A 298 9.43 -11.97 7.28
C GLY A 298 8.78 -12.97 8.21
N ASN A 299 9.57 -13.92 8.71
CA ASN A 299 9.11 -14.83 9.74
C ASN A 299 9.53 -14.32 11.11
N TYR A 300 8.56 -13.88 11.92
CA TYR A 300 8.89 -13.35 13.24
C TYR A 300 8.78 -14.42 14.32
N ASN A 301 9.91 -14.74 14.93
CA ASN A 301 9.94 -15.61 16.10
C ASN A 301 9.71 -14.75 17.34
N ARG A 302 8.53 -14.88 17.93
CA ARG A 302 8.13 -14.04 19.06
C ARG A 302 8.86 -14.41 20.34
N GLU A 303 9.47 -15.59 20.37
CA GLU A 303 10.14 -16.08 21.56
C GLU A 303 11.62 -15.69 21.59
N THR A 304 12.29 -15.82 20.45
CA THR A 304 13.69 -15.41 20.35
C THR A 304 13.78 -13.96 19.90
N GLN A 305 12.62 -13.36 19.63
CA GLN A 305 12.52 -11.98 19.17
C GLN A 305 13.38 -11.73 17.94
N LYS A 306 13.25 -12.61 16.95
CA LYS A 306 14.00 -12.49 15.71
C LYS A 306 13.07 -12.26 14.53
N CYS A 307 13.37 -11.25 13.73
CA CYS A 307 12.66 -11.02 12.48
C CYS A 307 13.47 -11.60 11.32
N GLU A 308 13.04 -12.77 10.86
CA GLU A 308 13.75 -13.49 9.79
C GLU A 308 13.26 -13.03 8.42
N ILE A 309 14.05 -12.15 7.79
CA ILE A 309 13.64 -11.50 6.56
C ILE A 309 14.30 -12.14 5.33
N PHE A 310 13.50 -12.38 4.30
CA PHE A 310 14.01 -13.00 3.07
C PHE A 310 13.34 -12.37 1.84
N ASN A 311 13.91 -12.64 0.67
CA ASN A 311 13.45 -11.99 -0.55
C ASN A 311 12.97 -12.96 -1.63
N VAL A 312 12.68 -14.19 -1.24
CA VAL A 312 12.07 -15.16 -2.16
C VAL A 312 10.66 -15.47 -1.70
N LYS A 313 9.75 -15.69 -2.65
CA LYS A 313 8.35 -15.89 -2.29
C LYS A 313 8.13 -17.24 -1.60
N PRO A 314 7.36 -17.24 -0.51
CA PRO A 314 7.00 -18.48 0.19
C PRO A 314 5.95 -19.27 -0.58
N THR A 315 5.94 -20.58 -0.43
CA THR A 315 5.02 -21.42 -1.19
C THR A 315 4.24 -22.40 -0.31
N CYS A 316 4.41 -22.27 1.01
CA CYS A 316 3.68 -23.09 1.96
C CYS A 316 3.81 -22.54 3.37
N LEU A 317 3.08 -23.14 4.31
CA LEU A 317 3.14 -22.72 5.71
C LEU A 317 3.59 -23.85 6.62
N ILE A 318 4.40 -23.51 7.61
CA ILE A 318 4.79 -24.45 8.66
C ILE A 318 4.12 -24.07 9.97
N ASN A 319 3.40 -25.02 10.58
CA ASN A 319 2.77 -24.75 11.86
C ASN A 319 3.79 -24.68 12.99
N ASN A 320 3.93 -23.49 13.57
CA ASN A 320 4.87 -23.27 14.65
C ASN A 320 4.36 -22.16 15.56
N SER A 321 4.05 -22.49 16.81
CA SER A 321 3.45 -21.55 17.75
C SER A 321 4.38 -20.39 18.12
N SER A 322 5.66 -20.53 17.79
CA SER A 322 6.64 -19.49 18.13
C SER A 322 6.71 -18.42 17.04
N TYR A 323 5.98 -18.61 15.95
CA TYR A 323 6.14 -17.74 14.78
C TYR A 323 4.87 -17.00 14.35
N ILE A 324 5.09 -15.83 13.74
CA ILE A 324 4.04 -15.06 13.09
C ILE A 324 4.54 -14.64 11.71
N ALA A 325 3.80 -15.02 10.66
CA ALA A 325 4.22 -14.71 9.29
C ALA A 325 3.72 -13.34 8.87
N THR A 326 4.66 -12.46 8.52
CA THR A 326 4.31 -11.09 8.12
C THR A 326 4.87 -10.74 6.74
N THR A 327 4.29 -9.72 6.12
CA THR A 327 4.80 -9.18 4.87
C THR A 327 4.87 -7.66 4.97
N ALA A 328 5.54 -7.03 4.01
CA ALA A 328 5.66 -5.58 3.98
C ALA A 328 4.31 -4.90 3.73
N LEU A 329 3.42 -5.61 3.03
CA LEU A 329 2.08 -5.10 2.74
C LEU A 329 1.15 -5.27 3.91
N SER A 330 1.45 -6.27 4.74
CA SER A 330 0.57 -6.66 5.84
C SER A 330 0.43 -5.57 6.90
N HIS A 331 -0.72 -5.58 7.59
CA HIS A 331 -0.96 -4.70 8.72
C HIS A 331 0.04 -5.01 9.83
N PRO A 332 0.56 -3.97 10.51
CA PRO A 332 1.60 -4.18 11.52
C PRO A 332 1.10 -4.87 12.79
N ILE A 333 -0.21 -4.95 12.97
CA ILE A 333 -0.76 -5.47 14.22
C ILE A 333 -1.69 -6.68 14.03
N GLU A 334 -2.62 -6.56 13.09
CA GLU A 334 -3.68 -7.57 12.92
C GLU A 334 -3.14 -8.97 12.66
N VAL A 335 -3.68 -9.95 13.38
CA VAL A 335 -3.31 -11.34 13.17
C VAL A 335 -4.55 -12.19 12.91
N GLU A 336 -4.34 -13.37 12.34
CA GLU A 336 -5.45 -14.31 12.12
C GLU A 336 -4.95 -15.75 12.22
N CYS B 1 -9.83 23.03 -10.54
CA CYS B 1 -8.58 22.78 -11.24
C CYS B 1 -8.52 21.42 -11.92
N TRP B 2 -9.40 20.49 -11.52
CA TRP B 2 -9.41 19.14 -12.06
C TRP B 2 -10.72 18.84 -12.78
N THR B 3 -10.66 17.88 -13.70
CA THR B 3 -11.85 17.41 -14.40
C THR B 3 -12.06 15.92 -14.15
N THR B 4 -13.26 15.55 -13.73
CA THR B 4 -13.58 14.16 -13.44
C THR B 4 -13.56 13.30 -14.69
N ARG B 5 -12.86 12.17 -14.62
CA ARG B 5 -12.74 11.26 -15.75
C ARG B 5 -14.02 10.46 -15.98
N MET B 6 -14.69 10.10 -14.89
CA MET B 6 -15.91 9.30 -14.98
C MET B 6 -17.13 10.17 -15.21
N SER B 7 -18.05 9.67 -16.03
CA SER B 7 -19.24 10.43 -16.41
C SER B 7 -20.25 10.51 -15.26
N PRO B 8 -20.94 11.66 -15.13
CA PRO B 8 -20.79 12.85 -15.99
C PRO B 8 -19.57 13.70 -15.62
N PRO B 9 -18.82 14.13 -16.64
CA PRO B 9 -17.61 14.94 -16.41
C PRO B 9 -17.92 16.34 -15.90
N MET B 10 -17.56 16.62 -14.66
CA MET B 10 -17.70 17.95 -14.08
C MET B 10 -16.33 18.51 -13.74
N GLN B 11 -16.17 19.82 -13.88
CA GLN B 11 -14.90 20.45 -13.56
C GLN B 11 -14.90 21.00 -12.14
N ILE B 12 -14.08 20.40 -11.29
CA ILE B 12 -13.87 20.89 -9.94
C ILE B 12 -12.66 21.81 -9.98
N PRO B 13 -12.93 23.13 -10.02
CA PRO B 13 -12.08 24.23 -10.48
C PRO B 13 -10.75 23.81 -11.11
#